data_6KSF
#
_entry.id   6KSF
#
_cell.length_a   67.482
_cell.length_b   67.482
_cell.length_c   263.641
_cell.angle_alpha   90.000
_cell.angle_beta   90.000
_cell.angle_gamma   90.000
#
_symmetry.space_group_name_H-M   'P 41 21 2'
#
loop_
_entity.id
_entity.type
_entity.pdbx_description
1 polymer 'Alpha-ketoglutarate-dependent dioxygenase alkB homolog 1'
2 polymer "DNA (5'-D(*DGP*DCP*DTP*DGP*DAP*DGP*DTP*DGP*DCP*DCP*DCP*DGP*DCP*DGP*DTP*DGP*DCP*DTP*DGP*DGP*DAP*DTP*DCP*DC)-3')"
3 polymer "DNA (5'-D(*DGP*DGP*DAP*DTP*DCP*DCP*DAP*DGP*DCP*DAP*DCP*DGP*DCP*DCP*DAP*DCP*DTP*DCP*DAP*DGP*DC)-3')"
4 non-polymer 'CHLORIDE ION'
5 non-polymer 'SUCCINIC ACID'
6 non-polymer propane-1-thiol
7 water water
#
loop_
_entity_poly.entity_id
_entity_poly.type
_entity_poly.pdbx_seq_one_letter_code
_entity_poly.pdbx_strand_id
1 'polypeptide(L)'
;EDAFRKLFRFYRQSRPGTADLGAVIDFSEAHLARSPKPGVPQVVRFPLNVSSVTERDAERVGLEPVSKWRAYGLEGYPGF
IFIPNPFLPGCQRHWVKQCLKLYSQKPNVSNLDKHMTKEETQGLWEQSKEVLRSKEVTKRRPRSLLERLRWVTLGYHYNW
DSKKYSADHYTPFPSDLAFLSEQVATACGFQGFQAEAGILNYYRLDSTLGIHVDRCELDHSKPLLSFSFGQSAIFLLGGL
KRDEAPTAMFMHSGDIMVMSGFSRLLNHAVPRVLPHPDGESLPHSLETPLPAVLPSNSLVEPSSVEDWQVCATYLRTARV
NMTVRQVLATGQDFPL
;
A
2 'polydeoxyribonucleotide'
;(DG)(DC)(DT)(DG)(DA)(DG)(DT)(DG)(DC)(DC)(DC)(DG)(DC)(DG)(DT)(DG)(DC)(DT)(DG)(DG)
(DA)(DT)(DC)(DC)
;
B
3 'polydeoxyribonucleotide'
;(DG)(DG)(DA)(DT)(DC)(DC)(DA)(DG)(DC)(DA)(DC)(DG)(DC)(DC)(DA)(DC)(DT)(DC)(DA)(DG)
(DC)
;
C
#
loop_
_chem_comp.id
_chem_comp.type
_chem_comp.name
_chem_comp.formula
CL non-polymer 'CHLORIDE ION' 'Cl -1'
DA DNA linking 2'-DEOXYADENOSINE-5'-MONOPHOSPHATE 'C10 H14 N5 O6 P'
DC DNA linking 2'-DEOXYCYTIDINE-5'-MONOPHOSPHATE 'C9 H14 N3 O7 P'
DG DNA linking 2'-DEOXYGUANOSINE-5'-MONOPHOSPHATE 'C10 H14 N5 O7 P'
DT DNA linking THYMIDINE-5'-MONOPHOSPHATE 'C10 H15 N2 O8 P'
SIN non-polymer 'SUCCINIC ACID' 'C4 H6 O4'
XL3 non-polymer propane-1-thiol 'C3 H8 S'
#
# COMPACT_ATOMS: atom_id res chain seq x y z
N GLU A 1 13.18 -1.41 28.00
CA GLU A 1 12.10 -0.44 28.14
C GLU A 1 11.38 -0.19 26.81
N ASP A 2 11.90 0.77 26.05
CA ASP A 2 11.26 1.23 24.81
C ASP A 2 11.71 0.35 23.64
N ALA A 3 11.16 -0.86 23.61
CA ALA A 3 11.60 -1.86 22.64
C ALA A 3 11.26 -1.45 21.20
N PHE A 4 10.08 -0.88 20.98
CA PHE A 4 9.69 -0.51 19.63
C PHE A 4 10.60 0.57 19.07
N ARG A 5 10.93 1.58 19.88
CA ARG A 5 11.84 2.63 19.43
C ARG A 5 13.19 2.05 19.05
N LYS A 6 13.73 1.16 19.89
CA LYS A 6 15.06 0.60 19.63
C LYS A 6 15.06 -0.24 18.35
N LEU A 7 14.04 -1.08 18.16
CA LEU A 7 14.00 -1.90 16.95
C LEU A 7 13.71 -1.06 15.72
N PHE A 8 12.92 0.01 15.86
CA PHE A 8 12.68 0.93 14.76
C PHE A 8 13.98 1.56 14.29
N ARG A 9 14.79 2.04 15.25
CA ARG A 9 16.10 2.59 14.89
C ARG A 9 16.99 1.52 14.27
N PHE A 10 16.94 0.29 14.80
CA PHE A 10 17.77 -0.79 14.26
C PHE A 10 17.46 -1.03 12.79
N TYR A 11 16.19 -1.18 12.44
CA TYR A 11 15.84 -1.45 11.05
C TYR A 11 15.92 -0.21 10.17
N ARG A 12 15.82 0.99 10.74
CA ARG A 12 16.04 2.19 9.94
C ARG A 12 17.49 2.31 9.51
N GLN A 13 18.41 2.17 10.46
CA GLN A 13 19.83 2.21 10.19
C GLN A 13 20.35 0.94 9.54
N SER A 14 19.47 -0.01 9.25
CA SER A 14 19.85 -1.18 8.47
C SER A 14 20.38 -0.75 7.12
N ARG A 15 21.60 -1.14 6.81
CA ARG A 15 22.14 -1.01 5.45
C ARG A 15 22.48 -2.41 5.00
N PRO A 16 21.75 -2.99 4.03
CA PRO A 16 21.96 -4.41 3.66
C PRO A 16 23.42 -4.80 3.58
N GLY A 17 23.89 -5.45 4.64
CA GLY A 17 25.30 -5.70 4.86
C GLY A 17 25.70 -5.26 6.25
N THR A 18 25.04 -4.21 6.77
CA THR A 18 25.32 -3.72 8.11
C THR A 18 24.58 -4.54 9.16
N ALA A 19 23.26 -4.64 9.04
CA ALA A 19 22.42 -5.25 10.06
C ALA A 19 21.82 -6.56 9.55
N ASP A 20 21.47 -7.42 10.51
CA ASP A 20 20.95 -8.75 10.25
C ASP A 20 19.44 -8.69 10.08
N LEU A 21 18.94 -9.18 8.95
CA LEU A 21 17.51 -9.23 8.67
C LEU A 21 16.93 -10.63 8.89
N GLY A 22 17.57 -11.46 9.70
CA GLY A 22 17.11 -12.83 9.86
C GLY A 22 15.77 -12.96 10.56
N ALA A 23 15.41 -11.98 11.39
CA ALA A 23 14.17 -12.03 12.16
C ALA A 23 12.99 -11.46 11.40
N VAL A 24 13.21 -10.89 10.22
CA VAL A 24 12.13 -10.30 9.43
C VAL A 24 11.38 -11.41 8.72
N ILE A 25 10.07 -11.46 8.92
CA ILE A 25 9.24 -12.52 8.33
C ILE A 25 9.04 -12.24 6.84
N ASP A 26 9.24 -13.25 6.03
CA ASP A 26 9.01 -13.19 4.59
C ASP A 26 7.84 -14.12 4.28
N PHE A 27 6.66 -13.54 4.09
CA PHE A 27 5.47 -14.35 3.84
C PHE A 27 5.48 -15.00 2.46
N SER A 28 6.38 -14.59 1.58
CA SER A 28 6.51 -15.26 0.28
C SER A 28 7.11 -16.66 0.42
N GLU A 29 7.93 -16.86 1.44
CA GLU A 29 8.43 -18.19 1.78
C GLU A 29 8.01 -18.52 3.22
N ALA A 30 6.70 -18.58 3.44
CA ALA A 30 6.18 -18.67 4.80
C ALA A 30 6.63 -19.95 5.49
N HIS A 31 6.91 -19.84 6.79
CA HIS A 31 7.35 -20.97 7.59
C HIS A 31 6.25 -22.00 7.75
N LEU A 32 5.20 -21.64 8.49
CA LEU A 32 4.08 -22.52 8.84
C LEU A 32 4.50 -23.59 9.84
N ALA A 33 5.82 -23.80 9.99
CA ALA A 33 6.32 -24.68 11.03
C ALA A 33 5.92 -24.16 12.40
N ARG A 34 5.70 -25.09 13.33
CA ARG A 34 5.15 -24.75 14.64
C ARG A 34 6.25 -24.20 15.53
N SER A 35 6.19 -22.90 15.81
CA SER A 35 7.12 -22.22 16.71
C SER A 35 8.59 -22.48 16.37
N PRO A 36 9.06 -22.04 15.18
CA PRO A 36 10.48 -22.22 14.86
C PRO A 36 11.36 -21.10 15.40
N LYS A 37 10.96 -20.54 16.54
CA LYS A 37 11.71 -19.53 17.29
C LYS A 37 11.32 -19.73 18.77
N PRO A 38 11.08 -18.69 19.62
CA PRO A 38 11.02 -17.22 19.80
C PRO A 38 12.28 -16.47 19.35
N GLY A 39 12.21 -15.14 19.19
CA GLY A 39 11.07 -14.32 19.58
C GLY A 39 9.96 -14.13 18.56
N VAL A 40 10.13 -14.70 17.38
CA VAL A 40 9.14 -14.48 16.30
C VAL A 40 7.88 -15.27 16.62
N PRO A 41 6.69 -14.70 16.45
CA PRO A 41 5.47 -15.47 16.65
C PRO A 41 5.24 -16.44 15.50
N GLN A 42 4.35 -17.40 15.77
CA GLN A 42 4.03 -18.41 14.77
C GLN A 42 3.22 -17.81 13.63
N VAL A 43 3.53 -18.24 12.40
CA VAL A 43 2.75 -17.88 11.23
C VAL A 43 1.68 -18.94 11.02
N VAL A 44 0.43 -18.51 10.85
CA VAL A 44 -0.68 -19.42 10.63
C VAL A 44 -1.31 -19.12 9.28
N ARG A 45 -1.88 -20.15 8.66
CA ARG A 45 -2.58 -19.98 7.41
C ARG A 45 -3.98 -19.44 7.67
N PHE A 46 -4.42 -18.49 6.83
CA PHE A 46 -5.73 -17.88 7.00
C PHE A 46 -6.66 -18.36 5.90
N PRO A 47 -7.73 -19.08 6.23
CA PRO A 47 -8.61 -19.60 5.17
C PRO A 47 -9.44 -18.49 4.54
N LEU A 48 -9.40 -18.43 3.21
CA LEU A 48 -10.12 -17.41 2.45
C LEU A 48 -11.45 -17.95 1.95
N ASN A 49 -12.29 -17.01 1.51
CA ASN A 49 -13.58 -17.33 0.89
C ASN A 49 -13.36 -17.46 -0.60
N VAL A 50 -13.00 -18.67 -1.03
CA VAL A 50 -12.63 -18.90 -2.42
C VAL A 50 -13.80 -18.65 -3.36
N SER A 51 -15.01 -18.98 -2.94
CA SER A 51 -16.18 -18.87 -3.79
C SER A 51 -16.86 -17.50 -3.72
N SER A 52 -16.35 -16.58 -2.90
CA SER A 52 -17.03 -15.31 -2.70
C SER A 52 -16.77 -14.30 -3.81
N VAL A 53 -15.73 -14.48 -4.62
CA VAL A 53 -15.40 -13.56 -5.70
C VAL A 53 -15.21 -14.39 -6.97
N THR A 54 -15.98 -14.06 -8.00
CA THR A 54 -15.83 -14.73 -9.29
C THR A 54 -14.46 -14.39 -9.89
N GLU A 55 -13.88 -15.38 -10.58
CA GLU A 55 -12.58 -15.15 -11.21
C GLU A 55 -12.63 -13.97 -12.18
N ARG A 56 -13.80 -13.70 -12.76
CA ARG A 56 -13.91 -12.56 -13.67
C ARG A 56 -13.86 -11.24 -12.92
N ASP A 57 -14.52 -11.15 -11.76
CA ASP A 57 -14.41 -9.96 -10.94
C ASP A 57 -12.98 -9.75 -10.45
N ALA A 58 -12.28 -10.84 -10.14
CA ALA A 58 -10.88 -10.72 -9.74
C ALA A 58 -10.01 -10.25 -10.90
N GLU A 59 -10.28 -10.74 -12.11
CA GLU A 59 -9.46 -10.38 -13.26
C GLU A 59 -9.71 -8.94 -13.70
N ARG A 60 -10.95 -8.46 -13.58
CA ARG A 60 -11.25 -7.10 -13.98
C ARG A 60 -10.43 -6.08 -13.18
N VAL A 61 -9.97 -6.43 -11.99
CA VAL A 61 -9.14 -5.54 -11.17
C VAL A 61 -7.71 -6.04 -11.06
N GLY A 62 -7.35 -7.09 -11.80
CA GLY A 62 -5.97 -7.52 -11.90
C GLY A 62 -5.54 -8.58 -10.92
N LEU A 63 -6.47 -9.21 -10.21
CA LEU A 63 -6.12 -10.17 -9.17
C LEU A 63 -6.22 -11.60 -9.69
N GLU A 64 -5.37 -12.47 -9.16
CA GLU A 64 -5.51 -13.89 -9.40
C GLU A 64 -6.85 -14.37 -8.85
N PRO A 65 -7.27 -15.57 -9.23
CA PRO A 65 -8.43 -16.19 -8.59
C PRO A 65 -8.16 -16.42 -7.11
N VAL A 66 -9.19 -16.18 -6.29
CA VAL A 66 -9.05 -16.30 -4.84
C VAL A 66 -8.60 -17.70 -4.46
N SER A 67 -8.90 -18.69 -5.29
CA SER A 67 -8.42 -20.06 -5.04
C SER A 67 -6.90 -20.14 -5.06
N LYS A 68 -6.24 -19.20 -5.72
CA LYS A 68 -4.78 -19.22 -5.84
C LYS A 68 -4.09 -18.36 -4.78
N TRP A 69 -4.81 -17.49 -4.09
CA TRP A 69 -4.19 -16.66 -3.06
C TRP A 69 -3.73 -17.52 -1.89
N ARG A 70 -2.65 -17.07 -1.25
CA ARG A 70 -2.22 -17.60 0.03
C ARG A 70 -2.21 -16.45 1.02
N ALA A 71 -2.95 -16.61 2.12
CA ALA A 71 -3.06 -15.58 3.14
C ALA A 71 -2.59 -16.13 4.48
N TYR A 72 -2.00 -15.26 5.29
CA TYR A 72 -1.44 -15.68 6.57
C TYR A 72 -1.79 -14.68 7.66
N GLY A 73 -1.80 -15.19 8.90
CA GLY A 73 -1.85 -14.35 10.08
C GLY A 73 -0.72 -14.71 11.03
N LEU A 74 -0.68 -13.99 12.14
CA LEU A 74 0.33 -14.19 13.17
C LEU A 74 -0.36 -14.45 14.49
N GLU A 75 0.06 -15.52 15.18
CA GLU A 75 -0.50 -15.83 16.48
C GLU A 75 -0.24 -14.68 17.45
N GLY A 76 -1.28 -14.29 18.18
CA GLY A 76 -1.19 -13.13 19.05
C GLY A 76 -1.61 -11.83 18.39
N TYR A 77 -1.85 -11.83 17.08
CA TYR A 77 -2.29 -10.64 16.34
C TYR A 77 -3.61 -10.90 15.62
N PRO A 78 -4.69 -11.15 16.35
CA PRO A 78 -5.97 -11.37 15.67
C PRO A 78 -6.40 -10.14 14.91
N GLY A 79 -6.99 -10.35 13.74
CA GLY A 79 -7.40 -9.27 12.86
C GLY A 79 -6.36 -8.82 11.86
N PHE A 80 -5.21 -9.49 11.80
CA PHE A 80 -4.16 -9.16 10.84
C PHE A 80 -4.08 -10.27 9.80
N ILE A 81 -4.25 -9.90 8.53
CA ILE A 81 -4.11 -10.82 7.40
C ILE A 81 -3.05 -10.25 6.46
N PHE A 82 -2.14 -11.11 6.00
CA PHE A 82 -1.11 -10.73 5.05
C PHE A 82 -1.28 -11.60 3.81
N ILE A 83 -1.51 -10.96 2.66
CA ILE A 83 -1.68 -11.63 1.38
C ILE A 83 -0.50 -11.29 0.49
N PRO A 84 0.49 -12.18 0.34
CA PRO A 84 1.55 -11.94 -0.64
C PRO A 84 0.96 -11.74 -2.03
N ASN A 85 1.66 -10.95 -2.85
CA ASN A 85 1.30 -10.51 -4.19
C ASN A 85 0.26 -11.39 -4.86
N PRO A 86 -1.02 -11.04 -4.77
CA PRO A 86 -2.07 -11.80 -5.46
C PRO A 86 -2.43 -11.28 -6.85
N PHE A 87 -1.63 -10.37 -7.40
CA PHE A 87 -1.96 -9.76 -8.68
C PHE A 87 -1.58 -10.66 -9.83
N LEU A 88 -2.38 -10.60 -10.90
CA LEU A 88 -2.01 -11.25 -12.14
C LEU A 88 -0.76 -10.59 -12.72
N PRO A 89 0.07 -11.34 -13.45
CA PRO A 89 1.31 -10.77 -13.97
C PRO A 89 1.04 -9.53 -14.83
N GLY A 90 1.77 -8.46 -14.53
CA GLY A 90 1.64 -7.21 -15.25
C GLY A 90 0.56 -6.27 -14.75
N CYS A 91 -0.27 -6.69 -13.80
CA CYS A 91 -1.42 -5.88 -13.41
C CYS A 91 -1.11 -4.84 -12.34
N GLN A 92 0.02 -4.96 -11.64
CA GLN A 92 0.40 -3.91 -10.69
C GLN A 92 0.69 -2.60 -11.40
N ARG A 93 1.10 -2.67 -12.68
CA ARG A 93 1.49 -1.46 -13.40
C ARG A 93 0.32 -0.49 -13.52
N HIS A 94 -0.88 -1.01 -13.76
CA HIS A 94 -2.04 -0.13 -13.90
C HIS A 94 -2.32 0.64 -12.62
N TRP A 95 -2.25 -0.03 -11.46
CA TRP A 95 -2.55 0.65 -10.20
C TRP A 95 -1.43 1.61 -9.81
N VAL A 96 -0.18 1.23 -10.05
CA VAL A 96 0.93 2.17 -9.88
C VAL A 96 0.66 3.44 -10.70
N LYS A 97 0.32 3.27 -11.98
CA LYS A 97 0.09 4.42 -12.83
C LYS A 97 -1.09 5.26 -12.33
N GLN A 98 -2.16 4.60 -11.87
CA GLN A 98 -3.28 5.32 -11.29
C GLN A 98 -2.81 6.18 -10.12
N CYS A 99 -1.93 5.65 -9.28
CA CYS A 99 -1.43 6.42 -8.14
C CYS A 99 -0.56 7.59 -8.59
N LEU A 100 0.29 7.37 -9.59
CA LEU A 100 1.26 8.39 -9.95
C LEU A 100 0.64 9.52 -10.76
N LYS A 101 -0.14 9.21 -11.79
CA LYS A 101 -0.62 10.25 -12.70
C LYS A 101 -2.08 10.64 -12.48
N LEU A 102 -2.95 9.68 -12.13
CA LEU A 102 -4.38 9.99 -12.06
C LEU A 102 -4.77 10.49 -10.67
N TYR A 103 -4.53 9.67 -9.64
CA TYR A 103 -4.98 10.05 -8.30
C TYR A 103 -4.26 11.27 -7.76
N SER A 104 -3.13 11.65 -8.37
CA SER A 104 -2.38 12.82 -7.91
C SER A 104 -3.01 14.13 -8.36
N GLN A 105 -3.80 14.13 -9.43
CA GLN A 105 -4.35 15.36 -9.94
C GLN A 105 -5.62 15.74 -9.19
N LYS A 106 -6.00 17.01 -9.33
CA LYS A 106 -7.22 17.52 -8.73
C LYS A 106 -8.43 16.74 -9.24
N PRO A 107 -9.54 16.70 -8.48
CA PRO A 107 -9.83 17.43 -7.24
C PRO A 107 -9.16 16.86 -5.98
N ASN A 108 -8.38 15.79 -6.13
CA ASN A 108 -7.73 15.20 -4.97
C ASN A 108 -6.73 16.17 -4.36
N VAL A 109 -6.67 16.18 -3.03
CA VAL A 109 -5.78 17.07 -2.29
C VAL A 109 -4.50 16.33 -1.96
N SER A 110 -3.36 16.96 -2.28
CA SER A 110 -2.05 16.41 -1.98
C SER A 110 -1.26 17.39 -1.14
N ASN A 111 -0.06 16.98 -0.73
CA ASN A 111 0.82 17.90 -0.01
C ASN A 111 1.26 19.06 -0.89
N LEU A 112 1.35 18.84 -2.21
CA LEU A 112 1.75 19.89 -3.14
C LEU A 112 0.81 21.09 -3.10
N ASP A 113 -0.43 20.92 -2.64
CA ASP A 113 -1.37 22.03 -2.55
C ASP A 113 -1.09 22.94 -1.37
N LYS A 114 -0.18 22.58 -0.47
CA LYS A 114 0.07 23.41 0.71
C LYS A 114 0.58 24.79 0.30
N HIS A 115 1.49 24.86 -0.66
CA HIS A 115 2.08 26.13 -1.07
C HIS A 115 2.22 26.20 -2.59
N MET A 116 1.19 25.72 -3.30
CA MET A 116 1.13 25.84 -4.75
C MET A 116 -0.34 25.96 -5.15
N THR A 117 -0.56 26.14 -6.45
CA THR A 117 -1.90 26.18 -7.02
C THR A 117 -1.99 25.15 -8.15
N LYS A 118 -3.20 25.02 -8.70
CA LYS A 118 -3.43 24.05 -9.77
C LYS A 118 -2.73 24.42 -11.08
N GLU A 119 -1.82 25.39 -11.05
CA GLU A 119 -1.04 25.79 -12.22
C GLU A 119 -0.27 24.61 -12.79
N GLU A 120 0.96 24.40 -12.32
CA GLU A 120 1.72 23.23 -12.75
C GLU A 120 1.35 21.98 -11.96
N THR A 121 0.62 22.13 -10.85
CA THR A 121 0.10 20.96 -10.15
C THR A 121 -0.65 20.04 -11.09
N GLN A 122 -1.43 20.62 -12.01
CA GLN A 122 -2.08 19.82 -13.05
C GLN A 122 -1.10 19.37 -14.11
N GLY A 123 0.10 19.97 -14.17
CA GLY A 123 1.09 19.58 -15.16
C GLY A 123 2.21 18.74 -14.60
N LEU A 124 1.94 18.03 -13.50
CA LEU A 124 2.93 17.15 -12.89
C LEU A 124 3.38 16.07 -13.87
N TRP A 125 2.41 15.38 -14.47
CA TRP A 125 2.74 14.27 -15.36
C TRP A 125 3.45 14.77 -16.61
N GLU A 126 3.00 15.89 -17.17
CA GLU A 126 3.66 16.43 -18.36
C GLU A 126 5.07 16.89 -18.04
N GLN A 127 5.28 17.44 -16.84
CA GLN A 127 6.63 17.84 -16.43
C GLN A 127 7.55 16.64 -16.37
N SER A 128 7.10 15.55 -15.73
CA SER A 128 7.95 14.36 -15.68
C SER A 128 8.18 13.78 -17.08
N LYS A 129 7.16 13.78 -17.92
CA LYS A 129 7.31 13.29 -19.29
C LYS A 129 8.35 14.10 -20.05
N GLU A 130 8.28 15.43 -19.95
CA GLU A 130 9.27 16.28 -20.59
C GLU A 130 10.66 16.02 -20.03
N VAL A 131 10.76 15.77 -18.72
CA VAL A 131 12.06 15.42 -18.15
C VAL A 131 12.62 14.18 -18.82
N LEU A 132 11.77 13.20 -19.12
CA LEU A 132 12.31 11.96 -19.70
C LEU A 132 12.70 12.14 -21.17
N ARG A 133 12.04 13.02 -21.92
CA ARG A 133 12.42 13.23 -23.31
C ARG A 133 13.78 13.91 -23.41
N SER A 134 13.97 14.99 -22.67
CA SER A 134 15.18 15.80 -22.74
C SER A 134 16.42 15.08 -22.20
N LYS A 135 16.27 13.88 -21.66
CA LYS A 135 17.34 13.15 -20.95
C LYS A 135 17.96 14.00 -19.84
N GLU A 136 17.22 15.01 -19.37
CA GLU A 136 17.65 15.82 -18.24
C GLU A 136 17.40 15.08 -16.93
N VAL A 137 17.38 13.75 -16.97
CA VAL A 137 17.05 12.96 -15.79
C VAL A 137 18.28 12.72 -14.93
N THR A 138 19.45 12.52 -15.53
CA THR A 138 20.70 12.54 -14.77
C THR A 138 21.15 13.96 -14.49
N LYS A 139 20.83 14.89 -15.39
CA LYS A 139 21.25 16.28 -15.28
C LYS A 139 20.79 16.89 -13.96
N ARG A 140 21.59 17.81 -13.45
CA ARG A 140 21.22 18.52 -12.23
C ARG A 140 20.01 19.42 -12.49
N ARG A 141 19.04 19.38 -11.59
CA ARG A 141 17.77 20.07 -11.78
C ARG A 141 17.04 20.11 -10.43
N PRO A 142 16.07 21.01 -10.28
CA PRO A 142 15.22 20.95 -9.08
C PRO A 142 14.28 19.76 -9.16
N ARG A 143 13.97 19.21 -7.98
CA ARG A 143 13.11 18.03 -7.91
C ARG A 143 11.78 18.29 -8.61
N SER A 144 11.33 17.32 -9.39
CA SER A 144 10.07 17.48 -10.10
C SER A 144 8.90 17.45 -9.11
N LEU A 145 7.73 17.84 -9.61
CA LEU A 145 6.52 17.74 -8.80
C LEU A 145 6.25 16.29 -8.41
N LEU A 146 6.45 15.36 -9.34
CA LEU A 146 6.31 13.95 -9.03
C LEU A 146 7.26 13.52 -7.91
N GLU A 147 8.48 14.06 -7.91
CA GLU A 147 9.45 13.71 -6.88
C GLU A 147 9.18 14.41 -5.56
N ARG A 148 8.35 15.46 -5.56
CA ARG A 148 7.98 16.14 -4.34
C ARG A 148 6.65 15.65 -3.77
N LEU A 149 5.92 14.82 -4.51
CA LEU A 149 4.68 14.25 -4.02
C LEU A 149 4.95 13.32 -2.84
N ARG A 150 4.23 13.54 -1.75
CA ARG A 150 4.38 12.74 -0.54
C ARG A 150 3.11 11.98 -0.18
N TRP A 151 1.94 12.63 -0.25
CA TRP A 151 0.71 11.96 0.12
C TRP A 151 -0.46 12.58 -0.63
N VAL A 152 -1.54 11.81 -0.71
CA VAL A 152 -2.79 12.21 -1.37
C VAL A 152 -3.96 11.68 -0.55
N THR A 153 -4.94 12.52 -0.28
CA THR A 153 -6.16 12.08 0.38
C THR A 153 -7.25 11.82 -0.65
N LEU A 154 -8.10 10.82 -0.36
CA LEU A 154 -9.20 10.43 -1.21
C LEU A 154 -10.45 10.25 -0.36
N GLY A 155 -11.59 10.66 -0.90
CA GLY A 155 -12.86 10.51 -0.19
C GLY A 155 -13.01 11.45 0.98
N TYR A 156 -13.47 10.91 2.11
CA TYR A 156 -13.66 11.74 3.30
C TYR A 156 -12.31 12.07 3.93
N HIS A 157 -12.22 13.28 4.46
CA HIS A 157 -10.99 13.76 5.07
C HIS A 157 -11.12 13.69 6.59
N TYR A 158 -10.00 13.42 7.23
CA TYR A 158 -9.96 13.19 8.67
C TYR A 158 -9.64 14.49 9.41
N ASN A 159 -10.32 14.71 10.52
CA ASN A 159 -10.12 15.89 11.37
C ASN A 159 -9.29 15.46 12.57
N TRP A 160 -8.07 15.98 12.66
CA TRP A 160 -7.20 15.60 13.78
C TRP A 160 -7.67 16.17 15.11
N ASP A 161 -8.49 17.22 15.09
CA ASP A 161 -9.02 17.76 16.34
C ASP A 161 -10.24 16.97 16.80
N SER A 162 -11.25 16.83 15.93
CA SER A 162 -12.43 16.06 16.26
C SER A 162 -12.12 14.58 16.45
N LYS A 163 -10.99 14.11 15.93
CA LYS A 163 -10.68 12.68 15.84
C LYS A 163 -11.77 11.93 15.09
N LYS A 164 -12.43 12.61 14.15
CA LYS A 164 -13.55 12.05 13.41
C LYS A 164 -13.48 12.51 11.97
N TYR A 165 -14.10 11.73 11.08
CA TYR A 165 -14.23 12.11 9.69
C TYR A 165 -15.44 13.02 9.50
N SER A 166 -15.44 13.76 8.39
CA SER A 166 -16.54 14.68 8.09
C SER A 166 -16.67 14.82 6.58
N ALA A 167 -17.75 15.48 6.18
CA ALA A 167 -18.02 15.77 4.77
C ALA A 167 -17.40 17.09 4.32
N ASP A 168 -16.81 17.85 5.22
CA ASP A 168 -16.18 19.11 4.86
C ASP A 168 -15.05 18.88 3.89
N HIS A 169 -15.18 19.46 2.68
CA HIS A 169 -14.19 19.31 1.61
C HIS A 169 -14.02 17.84 1.21
N TYR A 170 -15.14 17.20 0.89
CA TYR A 170 -15.12 15.84 0.41
C TYR A 170 -14.78 15.82 -1.08
N THR A 171 -13.86 14.94 -1.47
CA THR A 171 -13.53 14.73 -2.86
C THR A 171 -13.87 13.30 -3.25
N PRO A 172 -14.49 13.09 -4.41
CA PRO A 172 -15.05 11.76 -4.72
C PRO A 172 -13.99 10.68 -4.70
N PHE A 173 -14.34 9.55 -4.08
CA PHE A 173 -13.41 8.44 -4.02
C PHE A 173 -13.38 7.71 -5.36
N PRO A 174 -12.19 7.34 -5.84
CA PRO A 174 -12.11 6.67 -7.15
C PRO A 174 -12.83 5.33 -7.15
N SER A 175 -13.72 5.15 -8.12
CA SER A 175 -14.59 3.98 -8.13
C SER A 175 -13.83 2.70 -8.48
N ASP A 176 -12.76 2.81 -9.27
CA ASP A 176 -11.98 1.62 -9.61
C ASP A 176 -11.21 1.09 -8.41
N LEU A 177 -10.57 1.98 -7.66
CA LEU A 177 -9.91 1.55 -6.42
C LEU A 177 -10.92 1.01 -5.43
N ALA A 178 -12.12 1.59 -5.41
CA ALA A 178 -13.18 1.07 -4.54
C ALA A 178 -13.58 -0.34 -4.94
N PHE A 179 -13.65 -0.62 -6.24
CA PHE A 179 -14.00 -1.96 -6.70
C PHE A 179 -12.92 -2.96 -6.34
N LEU A 180 -11.65 -2.60 -6.56
CA LEU A 180 -10.54 -3.48 -6.16
C LEU A 180 -10.58 -3.76 -4.66
N SER A 181 -10.77 -2.70 -3.86
CA SER A 181 -10.81 -2.86 -2.42
C SER A 181 -11.98 -3.74 -1.99
N GLU A 182 -13.13 -3.59 -2.65
CA GLU A 182 -14.28 -4.42 -2.30
C GLU A 182 -14.00 -5.88 -2.62
N GLN A 183 -13.34 -6.15 -3.75
CA GLN A 183 -13.00 -7.53 -4.08
C GLN A 183 -12.11 -8.13 -3.00
N VAL A 184 -11.06 -7.41 -2.62
CA VAL A 184 -10.15 -7.92 -1.59
C VAL A 184 -10.88 -8.15 -0.28
N ALA A 185 -11.74 -7.20 0.12
CA ALA A 185 -12.45 -7.32 1.39
C ALA A 185 -13.38 -8.53 1.37
N THR A 186 -14.19 -8.65 0.32
CA THR A 186 -15.06 -9.82 0.20
C THR A 186 -14.26 -11.11 0.27
N ALA A 187 -13.11 -11.15 -0.43
CA ALA A 187 -12.29 -12.36 -0.41
C ALA A 187 -11.81 -12.70 0.98
N CYS A 188 -11.56 -11.70 1.82
CA CYS A 188 -11.11 -11.93 3.18
C CYS A 188 -12.25 -12.16 4.17
N GLY A 189 -13.49 -12.22 3.70
CA GLY A 189 -14.62 -12.50 4.55
C GLY A 189 -15.37 -11.29 5.05
N PHE A 190 -15.10 -10.10 4.52
CA PHE A 190 -15.80 -8.88 4.91
C PHE A 190 -16.80 -8.55 3.82
N GLN A 191 -18.08 -8.82 4.09
CA GLN A 191 -19.13 -8.53 3.14
C GLN A 191 -19.64 -7.10 3.34
N GLY A 192 -19.94 -6.43 2.22
CA GLY A 192 -20.51 -5.10 2.30
C GLY A 192 -19.52 -4.00 2.57
N PHE A 193 -18.26 -4.18 2.19
CA PHE A 193 -17.25 -3.15 2.40
C PHE A 193 -17.36 -2.08 1.32
N GLN A 194 -17.35 -0.82 1.75
CA GLN A 194 -17.44 0.31 0.84
C GLN A 194 -16.25 1.23 1.07
N ALA A 195 -15.34 1.28 0.11
CA ALA A 195 -14.19 2.16 0.21
C ALA A 195 -14.65 3.62 0.25
N GLU A 196 -14.24 4.34 1.29
CA GLU A 196 -14.71 5.71 1.51
C GLU A 196 -13.62 6.70 1.89
N ALA A 197 -12.54 6.29 2.56
CA ALA A 197 -11.45 7.19 2.91
C ALA A 197 -10.13 6.54 2.54
N GLY A 198 -9.32 7.25 1.76
CA GLY A 198 -8.08 6.69 1.26
C GLY A 198 -6.90 7.62 1.45
N ILE A 199 -5.74 7.01 1.63
CA ILE A 199 -4.47 7.72 1.77
C ILE A 199 -3.46 7.06 0.83
N LEU A 200 -2.87 7.85 -0.04
CA LEU A 200 -1.75 7.40 -0.87
C LEU A 200 -0.48 8.01 -0.33
N ASN A 201 0.52 7.18 -0.08
CA ASN A 201 1.80 7.62 0.47
C ASN A 201 2.92 7.27 -0.48
N TYR A 202 3.77 8.25 -0.78
CA TYR A 202 4.89 8.10 -1.70
C TYR A 202 6.19 8.24 -0.93
N TYR A 203 7.01 7.20 -0.94
CA TYR A 203 8.20 7.11 -0.11
C TYR A 203 9.45 7.01 -0.98
N ARG A 204 10.48 7.74 -0.56
CA ARG A 204 11.82 7.64 -1.12
C ARG A 204 12.60 6.54 -0.41
N LEU A 205 13.86 6.36 -0.81
CA LEU A 205 14.69 5.34 -0.18
C LEU A 205 14.98 5.68 1.28
N ASP A 206 15.02 6.96 1.63
CA ASP A 206 15.26 7.38 3.01
C ASP A 206 13.98 7.76 3.74
N SER A 207 12.82 7.48 3.17
CA SER A 207 11.56 7.79 3.84
C SER A 207 11.27 6.82 4.96
N THR A 208 10.54 7.30 5.95
CA THR A 208 10.13 6.47 7.09
C THR A 208 8.70 6.81 7.47
N LEU A 209 8.04 5.84 8.09
CA LEU A 209 6.74 6.04 8.72
C LEU A 209 6.93 5.71 10.20
N GLY A 210 6.78 6.72 11.04
CA GLY A 210 7.08 6.56 12.46
C GLY A 210 6.07 5.68 13.17
N ILE A 211 6.41 5.37 14.42
CA ILE A 211 5.55 4.55 15.28
C ILE A 211 4.28 5.34 15.61
N HIS A 212 3.13 4.70 15.42
CA HIS A 212 1.88 5.38 15.71
C HIS A 212 0.76 4.35 15.86
N VAL A 213 -0.28 4.75 16.57
CA VAL A 213 -1.53 4.00 16.64
C VAL A 213 -2.63 4.84 16.00
N ASP A 214 -3.66 4.17 15.54
CA ASP A 214 -4.83 4.84 15.01
C ASP A 214 -5.86 4.98 16.13
N ARG A 215 -6.21 6.22 16.46
CA ARG A 215 -7.04 6.49 17.61
C ARG A 215 -8.45 6.94 17.27
N CYS A 216 -8.84 6.95 15.99
CA CYS A 216 -10.17 7.40 15.63
C CYS A 216 -11.23 6.38 16.01
N GLU A 217 -12.39 6.88 16.39
CA GLU A 217 -13.54 6.03 16.73
C GLU A 217 -14.17 5.58 15.42
N LEU A 218 -13.91 4.33 15.04
CA LEU A 218 -14.46 3.76 13.82
C LEU A 218 -15.04 2.38 14.11
N ASP A 219 -15.79 1.86 13.15
CA ASP A 219 -16.31 0.50 13.23
C ASP A 219 -15.17 -0.47 13.00
N HIS A 220 -14.67 -1.06 14.09
CA HIS A 220 -13.54 -1.98 13.99
C HIS A 220 -13.93 -3.34 13.43
N SER A 221 -15.21 -3.58 13.15
CA SER A 221 -15.59 -4.77 12.39
C SER A 221 -15.20 -4.64 10.93
N LYS A 222 -15.06 -3.41 10.43
CA LYS A 222 -14.69 -3.11 9.05
C LYS A 222 -13.18 -3.26 8.86
N PRO A 223 -12.75 -3.76 7.69
CA PRO A 223 -11.32 -3.89 7.45
C PRO A 223 -10.69 -2.59 6.96
N LEU A 224 -9.39 -2.48 7.22
CA LEU A 224 -8.52 -1.49 6.63
C LEU A 224 -7.61 -2.21 5.66
N LEU A 225 -7.48 -1.69 4.44
CA LEU A 225 -6.69 -2.33 3.41
C LEU A 225 -5.45 -1.49 3.11
N SER A 226 -4.32 -2.18 2.91
CA SER A 226 -3.05 -1.51 2.66
C SER A 226 -2.31 -2.25 1.55
N PHE A 227 -2.16 -1.58 0.40
CA PHE A 227 -1.47 -2.10 -0.76
C PHE A 227 -0.10 -1.44 -0.87
N SER A 228 0.90 -2.21 -1.27
CA SER A 228 2.25 -1.69 -1.49
C SER A 228 2.72 -2.03 -2.90
N PHE A 229 3.34 -1.05 -3.56
CA PHE A 229 3.89 -1.22 -4.90
C PHE A 229 5.29 -0.63 -4.98
N GLY A 230 6.18 -1.30 -5.72
CA GLY A 230 7.51 -0.77 -5.94
C GLY A 230 8.58 -1.45 -5.13
N GLN A 231 9.52 -0.68 -4.59
CA GLN A 231 10.60 -1.27 -3.80
C GLN A 231 10.04 -1.87 -2.50
N SER A 232 10.77 -2.85 -1.99
CA SER A 232 10.35 -3.54 -0.78
C SER A 232 10.54 -2.65 0.44
N ALA A 233 9.89 -3.03 1.54
CA ALA A 233 10.05 -2.29 2.77
C ALA A 233 9.99 -3.26 3.94
N ILE A 234 10.36 -2.78 5.12
CA ILE A 234 10.21 -3.51 6.36
C ILE A 234 9.09 -2.86 7.16
N PHE A 235 8.16 -3.67 7.65
CA PHE A 235 7.00 -3.23 8.40
C PHE A 235 7.07 -3.81 9.80
N LEU A 236 6.80 -2.99 10.80
CA LEU A 236 6.85 -3.38 12.19
C LEU A 236 5.45 -3.34 12.77
N LEU A 237 4.97 -4.47 13.27
CA LEU A 237 3.67 -4.57 13.92
C LEU A 237 3.89 -4.82 15.41
N GLY A 238 3.52 -3.86 16.24
CA GLY A 238 3.77 -3.91 17.67
C GLY A 238 2.55 -4.27 18.48
N GLY A 239 2.48 -3.71 19.68
CA GLY A 239 1.41 -4.04 20.60
C GLY A 239 0.53 -2.87 21.00
N LEU A 240 -0.34 -3.10 21.99
CA LEU A 240 -1.21 -2.04 22.46
C LEU A 240 -0.42 -0.89 23.08
N LYS A 241 0.73 -1.20 23.68
CA LYS A 241 1.58 -0.19 24.30
C LYS A 241 2.83 -0.01 23.47
N ARG A 242 3.30 1.24 23.40
CA ARG A 242 4.38 1.60 22.49
C ARG A 242 5.71 0.93 22.85
N ASP A 243 5.85 0.40 24.06
CA ASP A 243 7.13 -0.15 24.49
C ASP A 243 7.21 -1.67 24.37
N GLU A 244 6.28 -2.30 23.64
CA GLU A 244 6.34 -3.73 23.41
C GLU A 244 7.13 -4.02 22.13
N ALA A 245 7.95 -5.07 22.16
CA ALA A 245 8.79 -5.42 21.03
C ALA A 245 7.94 -5.81 19.83
N PRO A 246 8.10 -5.16 18.68
CA PRO A 246 7.27 -5.48 17.52
C PRO A 246 7.80 -6.70 16.77
N THR A 247 7.00 -7.15 15.80
CA THR A 247 7.39 -8.17 14.86
C THR A 247 7.66 -7.52 13.51
N ALA A 248 8.76 -7.92 12.88
CA ALA A 248 9.20 -7.36 11.61
C ALA A 248 8.82 -8.28 10.46
N MET A 249 8.38 -7.68 9.34
CA MET A 249 7.99 -8.46 8.18
C MET A 249 8.28 -7.67 6.92
N PHE A 250 8.51 -8.38 5.82
CA PHE A 250 8.75 -7.72 4.54
C PHE A 250 7.44 -7.35 3.86
N MET A 251 7.48 -6.22 3.15
CA MET A 251 6.40 -5.80 2.26
C MET A 251 7.01 -5.76 0.85
N HIS A 252 6.67 -6.77 0.05
CA HIS A 252 7.09 -6.82 -1.34
C HIS A 252 6.02 -6.21 -2.22
N SER A 253 6.40 -5.91 -3.47
CA SER A 253 5.49 -5.28 -4.41
C SER A 253 4.27 -6.16 -4.66
N GLY A 254 3.08 -5.56 -4.51
CA GLY A 254 1.84 -6.29 -4.68
C GLY A 254 1.24 -6.85 -3.42
N ASP A 255 2.03 -7.00 -2.35
CA ASP A 255 1.52 -7.52 -1.09
C ASP A 255 0.38 -6.64 -0.57
N ILE A 256 -0.56 -7.27 0.11
CA ILE A 256 -1.73 -6.59 0.67
C ILE A 256 -1.84 -6.97 2.13
N MET A 257 -2.15 -5.98 2.97
CA MET A 257 -2.41 -6.21 4.38
C MET A 257 -3.85 -5.80 4.68
N VAL A 258 -4.55 -6.65 5.42
CA VAL A 258 -5.93 -6.40 5.81
C VAL A 258 -5.98 -6.44 7.33
N MET A 259 -6.39 -5.33 7.94
CA MET A 259 -6.36 -5.20 9.39
C MET A 259 -7.75 -4.91 9.91
N SER A 260 -8.18 -5.67 10.92
CA SER A 260 -9.48 -5.49 11.52
C SER A 260 -9.36 -5.71 13.02
N GLY A 261 -10.36 -5.24 13.75
CA GLY A 261 -10.45 -5.45 15.19
C GLY A 261 -9.19 -5.19 15.98
N PHE A 262 -8.75 -6.22 16.72
CA PHE A 262 -7.62 -6.11 17.63
C PHE A 262 -6.41 -5.45 16.96
N SER A 263 -6.01 -5.97 15.81
CA SER A 263 -4.78 -5.49 15.20
C SER A 263 -4.88 -4.03 14.76
N ARG A 264 -6.10 -3.51 14.53
CA ARG A 264 -6.24 -2.08 14.19
C ARG A 264 -5.81 -1.18 15.33
N LEU A 265 -5.68 -1.71 16.56
CA LEU A 265 -5.36 -0.91 17.72
C LEU A 265 -3.86 -0.88 18.02
N LEU A 266 -3.03 -1.50 17.20
CA LEU A 266 -1.64 -1.76 17.56
C LEU A 266 -0.70 -0.70 16.99
N ASN A 267 0.41 -0.48 17.71
CA ASN A 267 1.48 0.34 17.17
C ASN A 267 2.09 -0.32 15.95
N HIS A 268 2.34 0.49 14.92
CA HIS A 268 2.98 -0.01 13.71
C HIS A 268 3.80 1.11 13.08
N ALA A 269 4.73 0.71 12.22
CA ALA A 269 5.67 1.65 11.61
C ALA A 269 6.32 0.99 10.39
N VAL A 270 6.86 1.84 9.52
CA VAL A 270 7.65 1.37 8.38
C VAL A 270 9.04 2.02 8.47
N PRO A 271 10.01 1.36 9.10
CA PRO A 271 11.30 2.03 9.36
C PRO A 271 12.20 2.20 8.16
N ARG A 272 12.02 1.42 7.10
CA ARG A 272 13.00 1.44 6.02
C ARG A 272 12.40 0.96 4.72
N VAL A 273 12.71 1.69 3.64
CA VAL A 273 12.52 1.22 2.27
C VAL A 273 13.85 0.64 1.81
N LEU A 274 13.85 -0.64 1.43
CA LEU A 274 15.10 -1.28 1.02
C LEU A 274 15.47 -0.89 -0.41
N PRO A 275 16.74 -0.60 -0.68
CA PRO A 275 17.15 -0.35 -2.06
C PRO A 275 17.09 -1.62 -2.90
N HIS A 276 16.87 -1.45 -4.19
CA HIS A 276 16.73 -2.60 -5.06
C HIS A 276 18.04 -3.40 -5.10
N PRO A 277 17.97 -4.71 -5.29
CA PRO A 277 19.20 -5.50 -5.47
C PRO A 277 19.92 -5.11 -6.75
N ASP A 278 21.16 -5.60 -6.85
CA ASP A 278 21.96 -5.34 -8.04
C ASP A 278 21.38 -6.06 -9.25
N GLY A 279 21.32 -5.35 -10.38
CA GLY A 279 20.77 -5.92 -11.60
C GLY A 279 19.28 -6.19 -11.56
N GLU A 280 18.60 -5.84 -10.49
CA GLU A 280 17.15 -6.00 -10.35
C GLU A 280 16.56 -4.64 -10.01
N SER A 281 16.63 -3.72 -10.99
CA SER A 281 16.19 -2.35 -10.75
C SER A 281 14.73 -2.29 -10.31
N LEU A 282 13.90 -3.19 -10.80
CA LEU A 282 12.49 -3.27 -10.45
C LEU A 282 12.16 -4.70 -10.06
N PRO A 283 11.11 -4.89 -9.26
CA PRO A 283 10.70 -6.26 -8.91
C PRO A 283 10.18 -7.00 -10.13
N HIS A 284 10.40 -8.32 -10.13
CA HIS A 284 10.00 -9.15 -11.26
C HIS A 284 8.50 -9.03 -11.53
N SER A 285 7.69 -8.90 -10.48
CA SER A 285 6.24 -8.85 -10.64
C SER A 285 5.76 -7.58 -11.32
N LEU A 286 6.62 -6.60 -11.55
CA LEU A 286 6.25 -5.35 -12.20
C LEU A 286 6.59 -5.31 -13.68
N GLU A 287 7.43 -6.22 -14.17
CA GLU A 287 7.83 -6.25 -15.57
C GLU A 287 7.12 -7.33 -16.37
N THR A 288 6.36 -8.22 -15.71
CA THR A 288 5.68 -9.29 -16.41
C THR A 288 4.64 -8.72 -17.38
N PRO A 289 4.34 -9.44 -18.46
CA PRO A 289 3.39 -8.92 -19.45
C PRO A 289 1.94 -9.18 -19.04
N LEU A 290 1.07 -8.28 -19.48
CA LEU A 290 -0.35 -8.44 -19.23
C LEU A 290 -0.86 -9.70 -19.93
N PRO A 291 -1.91 -10.33 -19.40
CA PRO A 291 -2.52 -11.46 -20.12
C PRO A 291 -2.98 -11.05 -21.51
N ALA A 292 -2.98 -12.02 -22.42
CA ALA A 292 -3.33 -11.74 -23.81
C ALA A 292 -4.78 -11.28 -23.93
N VAL A 293 -5.71 -12.07 -23.38
CA VAL A 293 -7.13 -11.78 -23.48
C VAL A 293 -7.56 -11.07 -22.20
N LEU A 294 -7.95 -9.81 -22.34
CA LEU A 294 -8.47 -9.03 -21.23
C LEU A 294 -10.00 -8.99 -21.29
N PRO A 295 -10.67 -9.10 -20.14
CA PRO A 295 -12.13 -8.93 -20.15
C PRO A 295 -12.53 -7.60 -20.72
N SER A 296 -13.61 -7.61 -21.50
CA SER A 296 -14.14 -6.36 -22.06
C SER A 296 -14.54 -5.38 -20.97
N ASN A 297 -14.78 -5.88 -19.76
CA ASN A 297 -15.13 -5.08 -18.60
C ASN A 297 -13.92 -4.67 -17.77
N SER A 298 -12.73 -5.17 -18.12
CA SER A 298 -11.56 -5.02 -17.27
C SER A 298 -11.24 -3.56 -17.01
N LEU A 299 -11.01 -3.24 -15.73
CA LEU A 299 -10.55 -1.91 -15.34
C LEU A 299 -9.04 -1.75 -15.52
N VAL A 300 -8.31 -2.86 -15.58
CA VAL A 300 -6.88 -2.84 -15.87
C VAL A 300 -6.70 -2.86 -17.37
N GLU A 301 -6.09 -1.80 -17.92
CA GLU A 301 -5.79 -1.75 -19.33
C GLU A 301 -4.35 -1.33 -19.54
N PRO A 302 -3.69 -1.87 -20.56
CA PRO A 302 -2.30 -1.48 -20.83
C PRO A 302 -2.21 0.01 -21.13
N SER A 303 -1.17 0.64 -20.61
CA SER A 303 -0.99 2.08 -20.72
C SER A 303 0.15 2.40 -21.70
N SER A 304 0.35 3.69 -21.93
CA SER A 304 1.38 4.15 -22.86
C SER A 304 2.76 3.65 -22.44
N VAL A 305 3.64 3.50 -23.43
CA VAL A 305 5.04 3.23 -23.11
C VAL A 305 5.66 4.44 -22.42
N GLU A 306 5.23 5.65 -22.80
CA GLU A 306 5.71 6.86 -22.14
C GLU A 306 5.33 6.86 -20.66
N ASP A 307 4.05 6.62 -20.38
CA ASP A 307 3.57 6.62 -19.01
C ASP A 307 4.29 5.56 -18.17
N TRP A 308 4.45 4.35 -18.71
CA TRP A 308 5.14 3.33 -17.94
C TRP A 308 6.62 3.63 -17.79
N GLN A 309 7.24 4.29 -18.77
CA GLN A 309 8.63 4.66 -18.60
C GLN A 309 8.80 5.65 -17.45
N VAL A 310 7.92 6.64 -17.38
CA VAL A 310 7.90 7.55 -16.23
C VAL A 310 7.73 6.76 -14.93
N CYS A 311 6.72 5.88 -14.91
CA CYS A 311 6.45 5.11 -13.69
C CYS A 311 7.66 4.27 -13.27
N ALA A 312 8.33 3.64 -14.24
CA ALA A 312 9.44 2.73 -13.92
C ALA A 312 10.64 3.50 -13.42
N THR A 313 10.99 4.62 -14.07
CA THR A 313 12.10 5.42 -13.58
C THR A 313 11.80 5.94 -12.17
N TYR A 314 10.55 6.33 -11.91
CA TYR A 314 10.20 6.77 -10.56
C TYR A 314 10.33 5.64 -9.55
N LEU A 315 9.73 4.49 -9.84
CA LEU A 315 9.71 3.37 -8.90
C LEU A 315 11.08 2.74 -8.71
N ARG A 316 12.05 3.05 -9.57
CA ARG A 316 13.39 2.53 -9.35
C ARG A 316 13.90 2.85 -7.95
N THR A 317 13.47 3.96 -7.36
CA THR A 317 13.91 4.37 -6.03
C THR A 317 12.73 4.84 -5.19
N ALA A 318 11.59 4.15 -5.27
CA ALA A 318 10.41 4.63 -4.55
C ALA A 318 9.52 3.46 -4.15
N ARG A 319 8.64 3.74 -3.19
CA ARG A 319 7.57 2.82 -2.81
C ARG A 319 6.27 3.61 -2.71
N VAL A 320 5.18 3.00 -3.17
CA VAL A 320 3.86 3.61 -3.11
C VAL A 320 2.97 2.75 -2.24
N ASN A 321 2.16 3.40 -1.40
CA ASN A 321 1.25 2.71 -0.51
C ASN A 321 -0.16 3.28 -0.67
N MET A 322 -1.14 2.39 -0.67
CA MET A 322 -2.56 2.76 -0.69
C MET A 322 -3.22 2.24 0.58
N THR A 323 -3.94 3.11 1.27
CA THR A 323 -4.66 2.74 2.48
C THR A 323 -6.13 3.09 2.29
N VAL A 324 -7.00 2.15 2.58
CA VAL A 324 -8.44 2.26 2.28
C VAL A 324 -9.24 1.88 3.52
N ARG A 325 -10.19 2.74 3.88
CA ARG A 325 -11.06 2.56 5.04
C ARG A 325 -12.51 2.82 4.64
N GLN A 326 -13.42 2.22 5.40
CA GLN A 326 -14.84 2.60 5.39
C GLN A 326 -15.13 3.39 6.65
N VAL A 327 -15.67 4.59 6.48
CA VAL A 327 -15.90 5.47 7.63
C VAL A 327 -17.37 5.68 7.94
N LEU A 328 -18.28 5.35 7.03
CA LEU A 328 -19.71 5.50 7.24
C LEU A 328 -20.37 4.14 7.36
N ALA A 329 -21.33 4.03 8.29
CA ALA A 329 -22.09 2.81 8.43
C ALA A 329 -22.86 2.51 7.16
N THR A 330 -23.16 1.24 6.95
CA THR A 330 -23.88 0.81 5.76
C THR A 330 -25.25 1.48 5.69
N GLY A 331 -25.44 2.28 4.64
CA GLY A 331 -26.71 2.95 4.42
C GLY A 331 -26.69 4.41 4.83
N GLN A 332 -26.24 4.67 6.05
CA GLN A 332 -26.23 6.03 6.56
C GLN A 332 -25.22 6.88 5.80
N ASP A 333 -25.60 8.11 5.49
CA ASP A 333 -24.70 9.08 4.88
C ASP A 333 -24.11 9.97 5.97
N PHE A 334 -23.69 11.18 5.61
CA PHE A 334 -23.01 12.08 6.54
C PHE A 334 -23.84 13.33 6.79
N PRO A 335 -24.64 13.38 7.86
CA PRO A 335 -25.40 14.57 8.26
C PRO A 335 -24.70 15.38 9.34
CL CL D . -8.19 2.82 11.90
CL CL E . -10.31 -9.05 16.63
C1 SIN F . -0.49 5.40 7.48
O1 SIN F . -0.57 6.17 8.46
O2 SIN F . -0.58 5.89 6.32
C2 SIN F . -0.29 3.91 7.66
C3 SIN F . -1.63 3.22 7.85
C4 SIN F . -2.31 3.80 9.06
O3 SIN F . -3.27 4.59 8.92
O4 SIN F . -1.89 3.52 10.21
CA XL3 G . -6.48 8.60 9.49
CB XL3 G . -6.99 7.58 10.48
CC XL3 G . -7.00 8.17 11.88
SG XL3 G . -7.56 6.91 13.06
#